data_6B2V
#
_entry.id   6B2V
#
_cell.length_a   75.370
_cell.length_b   75.370
_cell.length_c   195.870
_cell.angle_alpha   90.00
_cell.angle_beta   90.00
_cell.angle_gamma   120.00
#
_symmetry.space_group_name_H-M   'P 61 2 2'
#
loop_
_entity.id
_entity.type
_entity.pdbx_description
1 polymer SorB
2 water water
#
_entity_poly.entity_id   1
_entity_poly.type   'polypeptide(L)'
_entity_poly.pdbx_seq_one_letter_code
;MGSSHHHHHHSSGLVPRGSHMGEVRQRHPLVHREVADAEGRRAFAAVFDGAEPFLMDHEQLFPAVAYLEMARAAAEAADL
SIAGIRNALWISPLVIRDRACELRVVLSDAESGRAYEVSSSRGVHARGLLVFDEPPAQPARPPALDIEAVRTRCAIEVDA
RTRNEAMGMPASYDKLWIASLVHSDHEALASLQAPSAPGDEAFLLDPNLGNSVLVPAIFLSLIQDGEREWRFPYTLEALW
IYSDPRRGAYVHARRAAEDGQAARFGRYDVDLVDASGNCLMAFRGLTAVPAAVAAPEKPAA
;
_entity_poly.pdbx_strand_id   A
#
# COMPACT_ATOMS: atom_id res chain seq x y z
N GLN A 26 -0.89 21.94 -6.96
CA GLN A 26 -1.14 20.73 -7.74
C GLN A 26 -2.28 19.94 -7.13
N ARG A 27 -3.35 19.72 -7.86
CA ARG A 27 -4.47 18.98 -7.33
C ARG A 27 -4.17 17.51 -7.00
N HIS A 28 -4.58 17.05 -5.84
CA HIS A 28 -4.45 15.66 -5.51
C HIS A 28 -5.65 15.27 -4.69
N PRO A 29 -6.22 14.10 -4.91
CA PRO A 29 -7.42 13.72 -4.18
C PRO A 29 -7.26 13.64 -2.66
N LEU A 30 -6.04 13.41 -2.24
CA LEU A 30 -5.79 13.26 -0.81
C LEU A 30 -5.13 14.41 -0.09
N VAL A 31 -4.74 15.43 -0.82
CA VAL A 31 -4.12 16.58 -0.23
C VAL A 31 -4.78 17.82 -0.77
N HIS A 32 -5.62 18.46 0.03
CA HIS A 32 -6.33 19.65 -0.43
C HIS A 32 -5.74 21.01 -0.10
N ARG A 33 -5.10 21.16 1.06
CA ARG A 33 -4.56 22.47 1.39
C ARG A 33 -3.37 22.34 2.32
N GLU A 34 -2.57 23.41 2.35
CA GLU A 34 -1.46 23.49 3.28
C GLU A 34 -2.00 24.20 4.52
N VAL A 35 -1.55 23.75 5.66
CA VAL A 35 -1.98 24.24 6.92
C VAL A 35 -0.82 24.72 7.77
N ALA A 36 -1.03 25.77 8.53
CA ALA A 36 0.05 26.35 9.30
C ALA A 36 0.59 25.51 10.43
N ASP A 37 1.90 25.54 10.57
CA ASP A 37 2.66 24.84 11.57
C ASP A 37 3.95 25.61 11.88
N ALA A 38 4.70 25.09 12.84
CA ALA A 38 5.91 25.72 13.35
C ALA A 38 7.17 24.92 13.32
N GLU A 39 8.28 25.58 13.49
CA GLU A 39 9.56 24.93 13.62
C GLU A 39 10.13 23.94 12.57
N GLY A 40 10.08 24.18 11.30
CA GLY A 40 10.61 23.14 10.45
C GLY A 40 9.66 21.96 10.37
N ARG A 41 8.40 22.32 10.26
CA ARG A 41 7.32 21.40 10.05
C ARG A 41 6.40 22.00 9.04
N ARG A 42 5.87 21.15 8.19
CA ARG A 42 4.89 21.53 7.22
C ARG A 42 3.75 20.55 7.34
N ALA A 43 2.55 21.05 7.23
CA ALA A 43 1.36 20.28 7.42
C ALA A 43 0.37 20.51 6.31
N PHE A 44 -0.31 19.45 5.93
CA PHE A 44 -1.31 19.47 4.89
C PHE A 44 -2.57 18.77 5.32
N ALA A 45 -3.70 19.14 4.74
CA ALA A 45 -4.96 18.59 5.11
C ALA A 45 -5.91 18.34 3.96
N ALA A 46 -6.85 17.43 4.19
CA ALA A 46 -7.91 17.11 3.28
C ALA A 46 -9.16 16.73 4.06
N VAL A 47 -10.31 17.01 3.51
CA VAL A 47 -11.57 16.63 4.11
C VAL A 47 -12.26 15.63 3.21
N PHE A 48 -12.71 14.52 3.75
CA PHE A 48 -13.38 13.49 3.03
C PHE A 48 -14.78 13.32 3.54
N ASP A 49 -15.70 13.17 2.63
CA ASP A 49 -17.09 12.98 2.97
C ASP A 49 -17.64 11.58 2.83
N GLY A 50 -16.85 10.67 2.34
CA GLY A 50 -17.31 9.31 2.18
C GLY A 50 -17.87 8.94 0.82
N ALA A 51 -18.04 9.94 -0.01
CA ALA A 51 -18.53 9.68 -1.36
C ALA A 51 -17.41 9.54 -2.36
N GLU A 52 -16.18 9.69 -1.93
CA GLU A 52 -15.02 9.50 -2.77
C GLU A 52 -14.99 8.03 -3.21
N PRO A 53 -14.61 7.77 -4.46
CA PRO A 53 -14.61 6.40 -4.93
C PRO A 53 -13.68 5.54 -4.12
N PHE A 54 -12.53 6.06 -3.72
CA PHE A 54 -11.59 5.24 -2.95
C PHE A 54 -12.18 4.75 -1.65
N LEU A 55 -13.04 5.53 -1.02
CA LEU A 55 -13.77 5.09 0.16
C LEU A 55 -14.96 4.19 -0.12
N MET A 56 -15.72 4.54 -1.13
CA MET A 56 -16.89 3.78 -1.53
C MET A 56 -16.53 2.39 -1.99
N ASP A 57 -15.34 2.28 -2.57
CA ASP A 57 -14.80 1.02 -3.08
C ASP A 57 -14.17 0.17 -1.95
N HIS A 58 -14.17 0.66 -0.73
CA HIS A 58 -13.48 0.00 0.36
C HIS A 58 -14.24 -0.03 1.68
N GLU A 59 -15.53 -0.12 1.63
CA GLU A 59 -16.42 -0.21 2.80
C GLU A 59 -16.33 0.95 3.75
N GLN A 60 -15.99 2.08 3.20
CA GLN A 60 -15.87 3.34 3.91
C GLN A 60 -14.68 3.44 4.83
N LEU A 61 -13.77 2.50 4.70
CA LEU A 61 -12.57 2.44 5.51
C LEU A 61 -11.39 2.99 4.72
N PHE A 62 -10.69 3.96 5.27
CA PHE A 62 -9.58 4.56 4.56
C PHE A 62 -8.53 3.50 4.42
N PRO A 63 -8.12 3.21 3.20
CA PRO A 63 -7.18 2.14 3.00
C PRO A 63 -5.81 2.46 3.52
N ALA A 64 -5.15 1.42 3.99
CA ALA A 64 -3.80 1.57 4.53
C ALA A 64 -2.85 2.17 3.49
N VAL A 65 -3.02 1.69 2.28
CA VAL A 65 -2.22 2.08 1.18
C VAL A 65 -2.41 3.54 0.80
N ALA A 66 -3.59 4.08 1.04
CA ALA A 66 -3.90 5.48 0.75
C ALA A 66 -3.11 6.43 1.63
N TYR A 67 -2.75 6.00 2.84
CA TYR A 67 -1.95 6.86 3.70
C TYR A 67 -0.57 7.07 3.12
N LEU A 68 -0.04 6.04 2.50
CA LEU A 68 1.26 6.11 1.89
C LEU A 68 1.23 7.11 0.76
N GLU A 69 0.20 7.01 -0.04
CA GLU A 69 0.02 7.94 -1.15
C GLU A 69 -0.16 9.39 -0.64
N MET A 70 -0.91 9.56 0.43
CA MET A 70 -1.13 10.87 0.99
C MET A 70 0.18 11.49 1.49
N ALA A 71 0.96 10.71 2.20
CA ALA A 71 2.21 11.21 2.68
C ALA A 71 3.15 11.60 1.54
N ARG A 72 3.24 10.76 0.53
CA ARG A 72 4.05 11.05 -0.62
C ARG A 72 3.54 12.29 -1.34
N ALA A 73 2.24 12.38 -1.54
CA ALA A 73 1.67 13.52 -2.21
C ALA A 73 1.94 14.81 -1.44
N ALA A 74 1.85 14.75 -0.12
CA ALA A 74 2.12 15.93 0.69
C ALA A 74 3.57 16.37 0.56
N ALA A 75 4.48 15.43 0.56
CA ALA A 75 5.87 15.73 0.39
C ALA A 75 6.12 16.33 -1.00
N GLU A 76 5.45 15.82 -2.02
CA GLU A 76 5.58 16.35 -3.39
C GLU A 76 5.07 17.77 -3.41
N ALA A 77 4.02 18.06 -2.65
CA ALA A 77 3.47 19.42 -2.56
C ALA A 77 4.38 20.40 -1.89
N ALA A 78 5.22 19.87 -1.02
CA ALA A 78 6.21 20.65 -0.31
C ALA A 78 7.51 20.72 -1.09
N ASP A 79 7.48 20.39 -2.36
CA ASP A 79 8.64 20.38 -3.22
C ASP A 79 9.73 19.40 -2.86
N LEU A 80 9.40 18.29 -2.24
CA LEU A 80 10.38 17.29 -1.87
C LEU A 80 10.36 16.17 -2.90
N SER A 81 11.49 15.52 -3.07
CA SER A 81 11.64 14.45 -4.03
C SER A 81 11.78 13.14 -3.26
N ILE A 82 10.81 12.26 -3.42
CA ILE A 82 10.73 11.06 -2.63
C ILE A 82 11.09 9.80 -3.35
N ALA A 83 11.99 9.03 -2.78
CA ALA A 83 12.41 7.77 -3.29
C ALA A 83 11.62 6.61 -2.73
N GLY A 84 11.06 6.81 -1.57
CA GLY A 84 10.34 5.77 -0.92
C GLY A 84 9.92 6.10 0.48
N ILE A 85 9.40 5.08 1.15
CA ILE A 85 8.91 5.14 2.52
C ILE A 85 9.52 4.02 3.34
N ARG A 86 9.92 4.32 4.54
CA ARG A 86 10.48 3.34 5.44
C ARG A 86 9.72 3.34 6.77
N ASN A 87 9.70 2.20 7.41
CA ASN A 87 9.12 2.11 8.73
C ASN A 87 7.72 2.65 8.87
N ALA A 88 6.84 2.25 7.97
CA ALA A 88 5.48 2.63 8.03
C ALA A 88 4.74 1.80 9.08
N LEU A 89 3.83 2.47 9.77
CA LEU A 89 3.02 1.91 10.79
C LEU A 89 1.61 2.41 10.64
N TRP A 90 0.67 1.52 10.87
CA TRP A 90 -0.71 1.90 10.82
C TRP A 90 -1.32 1.67 12.22
N ILE A 91 -1.97 2.67 12.72
CA ILE A 91 -2.53 2.63 14.06
C ILE A 91 -4.05 2.53 14.14
N SER A 92 -4.78 3.60 14.13
CA SER A 92 -6.22 3.54 14.25
C SER A 92 -6.90 3.56 12.89
N PRO A 93 -7.91 2.75 12.70
CA PRO A 93 -8.66 2.77 11.47
C PRO A 93 -9.51 4.03 11.39
N LEU A 94 -9.71 4.51 10.17
CA LEU A 94 -10.54 5.63 9.94
C LEU A 94 -11.69 5.21 9.05
N VAL A 95 -12.87 5.29 9.61
CA VAL A 95 -14.07 4.97 8.86
C VAL A 95 -14.90 6.24 8.66
N ILE A 96 -15.21 6.58 7.42
CA ILE A 96 -15.94 7.77 7.13
C ILE A 96 -17.18 7.46 6.34
N ARG A 97 -18.31 7.61 6.99
CA ARG A 97 -19.58 7.36 6.39
C ARG A 97 -20.63 8.39 6.74
N ASP A 98 -20.95 8.47 8.00
CA ASP A 98 -22.00 9.37 8.45
C ASP A 98 -21.77 10.88 8.20
N ARG A 99 -20.57 11.30 8.49
CA ARG A 99 -20.17 12.69 8.45
C ARG A 99 -18.79 12.87 7.85
N ALA A 100 -18.52 14.01 7.26
CA ALA A 100 -17.19 14.27 6.74
C ALA A 100 -16.16 14.43 7.86
N CYS A 101 -14.88 14.22 7.54
CA CYS A 101 -13.78 14.30 8.47
C CYS A 101 -12.53 14.84 7.82
N GLU A 102 -11.75 15.58 8.58
CA GLU A 102 -10.51 16.08 8.09
C GLU A 102 -9.39 15.14 8.46
N LEU A 103 -8.44 14.97 7.57
CA LEU A 103 -7.24 14.20 7.82
C LEU A 103 -6.07 15.13 7.61
N ARG A 104 -5.12 15.10 8.52
CA ARG A 104 -3.96 15.95 8.46
C ARG A 104 -2.70 15.13 8.47
N VAL A 105 -1.72 15.56 7.70
CA VAL A 105 -0.45 14.90 7.67
C VAL A 105 0.60 15.94 7.97
N VAL A 106 1.44 15.66 8.94
CA VAL A 106 2.50 16.54 9.36
C VAL A 106 3.86 15.95 9.01
N LEU A 107 4.71 16.76 8.40
CA LEU A 107 6.03 16.35 8.00
C LEU A 107 7.05 17.06 8.85
N SER A 108 8.00 16.34 9.38
CA SER A 108 9.05 16.89 10.22
C SER A 108 10.43 16.39 9.79
N ASP A 109 11.47 17.15 10.09
CA ASP A 109 12.79 16.78 9.66
C ASP A 109 13.25 15.49 10.28
N ALA A 110 13.86 14.64 9.47
CA ALA A 110 14.44 13.35 9.85
C ALA A 110 15.66 13.07 8.98
N GLU A 111 16.48 12.13 9.42
CA GLU A 111 17.69 11.76 8.71
C GLU A 111 17.38 11.22 7.34
N SER A 112 16.39 10.39 7.22
CA SER A 112 16.02 9.89 5.92
C SER A 112 15.46 10.94 4.97
N GLY A 113 14.86 11.96 5.55
CA GLY A 113 14.17 12.96 4.79
C GLY A 113 13.16 13.61 5.72
N ARG A 114 11.98 13.00 5.81
CA ARG A 114 10.96 13.51 6.69
C ARG A 114 10.20 12.43 7.39
N ALA A 115 9.90 12.66 8.63
CA ALA A 115 8.96 11.80 9.31
C ALA A 115 7.55 12.32 9.00
N TYR A 116 6.59 11.42 8.91
CA TYR A 116 5.23 11.83 8.73
C TYR A 116 4.32 11.18 9.77
N GLU A 117 3.27 11.89 10.14
CA GLU A 117 2.24 11.37 10.99
C GLU A 117 0.92 11.81 10.42
N VAL A 118 0.02 10.87 10.17
CA VAL A 118 -1.28 11.21 9.68
C VAL A 118 -2.28 11.06 10.83
N SER A 119 -2.99 12.13 11.10
CA SER A 119 -3.94 12.17 12.18
C SER A 119 -5.21 12.93 11.89
N SER A 120 -6.11 12.76 12.82
CA SER A 120 -7.38 13.41 12.85
C SER A 120 -7.82 13.69 14.26
N SER A 121 -9.05 14.13 14.39
CA SER A 121 -9.62 14.31 15.72
C SER A 121 -9.87 12.98 16.41
N ARG A 122 -9.72 11.89 15.68
CA ARG A 122 -9.92 10.57 16.17
C ARG A 122 -8.62 9.84 16.48
N GLY A 123 -7.51 10.54 16.50
CA GLY A 123 -6.27 9.90 16.83
C GLY A 123 -5.24 9.84 15.74
N VAL A 124 -4.25 9.00 15.94
CA VAL A 124 -3.20 8.85 14.98
C VAL A 124 -3.51 7.61 14.15
N HIS A 125 -3.44 7.78 12.83
CA HIS A 125 -3.77 6.69 11.92
C HIS A 125 -2.60 6.02 11.24
N ALA A 126 -1.57 6.80 10.94
CA ALA A 126 -0.41 6.29 10.30
C ALA A 126 0.80 7.17 10.56
N ARG A 127 1.96 6.56 10.49
CA ARG A 127 3.22 7.25 10.58
C ARG A 127 4.29 6.49 9.83
N GLY A 128 5.35 7.18 9.55
CA GLY A 128 6.45 6.59 8.87
C GLY A 128 7.51 7.58 8.49
N LEU A 129 8.41 7.14 7.62
CA LEU A 129 9.51 7.97 7.17
C LEU A 129 9.53 8.10 5.66
N LEU A 130 9.58 9.32 5.17
CA LEU A 130 9.71 9.58 3.76
C LEU A 130 11.19 9.72 3.46
N VAL A 131 11.68 8.90 2.54
CA VAL A 131 13.07 8.87 2.18
C VAL A 131 13.29 9.67 0.91
N PHE A 132 14.16 10.64 1.02
CA PHE A 132 14.48 11.52 -0.03
C PHE A 132 15.39 10.87 -1.03
N ASP A 133 15.38 11.43 -2.22
CA ASP A 133 16.26 11.00 -3.26
C ASP A 133 17.73 11.36 -2.93
N GLU A 134 17.94 12.37 -2.12
CA GLU A 134 19.30 12.84 -1.72
C GLU A 134 19.50 12.85 -0.21
N PRO A 135 20.59 12.30 0.28
CA PRO A 135 21.55 11.49 -0.45
C PRO A 135 20.96 10.15 -0.84
N PRO A 136 21.56 9.47 -1.79
CA PRO A 136 20.96 8.24 -2.26
C PRO A 136 20.78 7.24 -1.16
N ALA A 137 19.57 6.74 -1.05
CA ALA A 137 19.24 5.73 -0.07
C ALA A 137 18.39 4.55 -0.62
N GLN A 138 17.96 4.65 -1.85
CA GLN A 138 17.17 3.61 -2.43
C GLN A 138 18.04 2.46 -2.84
N PRO A 139 17.65 1.25 -2.48
CA PRO A 139 18.38 0.07 -2.94
C PRO A 139 18.23 -0.02 -4.44
N ALA A 140 19.18 -0.67 -5.08
CA ALA A 140 19.14 -0.80 -6.50
C ALA A 140 17.91 -1.59 -6.84
N ARG A 141 17.34 -1.22 -7.96
CA ARG A 141 16.16 -1.85 -8.47
C ARG A 141 16.53 -3.29 -8.61
N PRO A 142 15.63 -4.16 -8.24
CA PRO A 142 15.85 -5.57 -8.36
C PRO A 142 15.94 -5.91 -9.81
N PRO A 143 16.54 -7.05 -10.06
CA PRO A 143 16.62 -7.57 -11.41
C PRO A 143 15.22 -7.93 -11.92
N ALA A 144 15.08 -8.02 -13.21
CA ALA A 144 13.78 -8.37 -13.74
C ALA A 144 13.34 -9.75 -13.26
N LEU A 145 12.06 -9.89 -12.96
CA LEU A 145 11.52 -11.13 -12.48
C LEU A 145 11.27 -12.13 -13.59
N ASP A 146 11.71 -13.36 -13.37
CA ASP A 146 11.50 -14.45 -14.29
C ASP A 146 10.12 -14.97 -13.97
N ILE A 147 9.16 -14.36 -14.64
CA ILE A 147 7.77 -14.68 -14.40
C ILE A 147 7.42 -16.13 -14.73
N GLU A 148 7.96 -16.65 -15.81
CA GLU A 148 7.67 -18.03 -16.11
C GLU A 148 8.17 -19.00 -15.03
N ALA A 149 9.35 -18.69 -14.50
CA ALA A 149 9.87 -19.54 -13.45
C ALA A 149 8.96 -19.52 -12.25
N VAL A 150 8.47 -18.35 -11.91
CA VAL A 150 7.56 -18.25 -10.79
C VAL A 150 6.28 -19.02 -11.06
N ARG A 151 5.74 -18.94 -12.28
CA ARG A 151 4.51 -19.67 -12.56
C ARG A 151 4.72 -21.18 -12.34
N THR A 152 5.84 -21.71 -12.76
CA THR A 152 6.10 -23.13 -12.64
C THR A 152 6.20 -23.66 -11.21
N ARG A 153 6.47 -22.79 -10.26
CA ARG A 153 6.64 -23.16 -8.86
C ARG A 153 5.49 -22.74 -7.94
N CYS A 154 4.38 -22.36 -8.53
CA CYS A 154 3.15 -22.00 -7.80
C CYS A 154 1.99 -22.87 -8.32
N ALA A 155 1.82 -24.02 -7.68
CA ALA A 155 0.92 -25.03 -8.13
C ALA A 155 -0.54 -24.89 -7.90
N ILE A 156 -0.95 -24.06 -6.97
CA ILE A 156 -2.33 -23.99 -6.63
C ILE A 156 -3.00 -22.77 -7.24
N GLU A 157 -4.05 -23.02 -8.01
CA GLU A 157 -4.81 -21.98 -8.66
C GLU A 157 -6.08 -21.70 -7.89
N VAL A 158 -6.37 -20.45 -7.65
CA VAL A 158 -7.59 -20.10 -6.94
C VAL A 158 -8.47 -19.05 -7.55
N ASP A 159 -9.72 -19.08 -7.16
CA ASP A 159 -10.71 -18.13 -7.57
C ASP A 159 -10.50 -17.01 -6.57
N ALA A 160 -9.74 -16.02 -6.97
CA ALA A 160 -9.40 -14.92 -6.09
C ALA A 160 -10.58 -14.16 -5.57
N ARG A 161 -11.56 -13.95 -6.41
CA ARG A 161 -12.72 -13.23 -5.94
C ARG A 161 -13.43 -13.97 -4.82
N THR A 162 -13.77 -15.22 -5.07
CA THR A 162 -14.47 -15.95 -4.07
C THR A 162 -13.70 -16.11 -2.78
N ARG A 163 -12.43 -16.47 -2.86
CA ARG A 163 -11.66 -16.66 -1.67
C ARG A 163 -11.43 -15.44 -0.83
N ASN A 164 -11.07 -14.35 -1.44
CA ASN A 164 -10.78 -13.16 -0.68
C ASN A 164 -12.00 -12.51 -0.08
N GLU A 165 -13.11 -12.52 -0.83
CA GLU A 165 -14.37 -11.96 -0.35
C GLU A 165 -14.87 -12.74 0.84
N ALA A 166 -14.65 -14.04 0.82
CA ALA A 166 -15.05 -14.90 1.92
C ALA A 166 -14.29 -14.59 3.19
N MET A 167 -13.12 -14.04 2.99
CA MET A 167 -12.25 -13.70 4.07
C MET A 167 -12.45 -12.29 4.58
N GLY A 168 -13.44 -11.59 4.08
CA GLY A 168 -13.71 -10.28 4.59
C GLY A 168 -12.96 -9.09 4.06
N MET A 169 -12.36 -9.21 2.89
CA MET A 169 -11.63 -8.11 2.31
C MET A 169 -12.54 -6.93 2.11
N PRO A 170 -12.14 -5.76 2.59
CA PRO A 170 -12.95 -4.55 2.40
C PRO A 170 -13.06 -4.09 0.95
N ALA A 171 -12.01 -4.34 0.18
CA ALA A 171 -11.99 -3.90 -1.21
C ALA A 171 -13.02 -4.56 -2.13
N SER A 172 -13.52 -3.80 -3.05
CA SER A 172 -14.43 -4.32 -4.03
C SER A 172 -13.56 -5.05 -5.06
N TYR A 173 -13.78 -6.33 -5.24
CA TYR A 173 -12.95 -7.11 -6.14
C TYR A 173 -12.96 -6.58 -7.58
N ASP A 174 -14.12 -6.13 -8.02
CA ASP A 174 -14.27 -5.61 -9.36
C ASP A 174 -13.45 -4.36 -9.60
N LYS A 175 -13.14 -3.65 -8.52
CA LYS A 175 -12.36 -2.43 -8.62
C LYS A 175 -10.86 -2.66 -8.55
N LEU A 176 -10.49 -3.84 -8.12
CA LEU A 176 -9.13 -4.27 -8.11
C LEU A 176 -8.66 -4.68 -9.51
N TRP A 177 -7.37 -4.83 -9.67
CA TRP A 177 -6.78 -5.23 -10.91
C TRP A 177 -6.51 -6.74 -11.03
N ILE A 178 -6.74 -7.46 -9.95
CA ILE A 178 -6.47 -8.87 -10.00
C ILE A 178 -7.32 -9.67 -10.98
N ALA A 179 -6.67 -10.44 -11.83
CA ALA A 179 -7.35 -11.26 -12.82
C ALA A 179 -7.19 -12.74 -12.60
N SER A 180 -6.12 -13.13 -11.98
CA SER A 180 -5.83 -14.50 -11.64
C SER A 180 -4.87 -14.56 -10.45
N LEU A 181 -4.86 -15.68 -9.75
CA LEU A 181 -3.99 -15.88 -8.64
C LEU A 181 -3.51 -17.34 -8.49
N VAL A 182 -2.20 -17.59 -8.42
CA VAL A 182 -1.65 -18.89 -8.16
C VAL A 182 -0.65 -18.78 -7.01
N HIS A 183 -0.49 -19.90 -6.34
CA HIS A 183 0.38 -19.92 -5.21
C HIS A 183 0.94 -21.29 -4.81
N SER A 184 2.03 -21.22 -4.10
CA SER A 184 2.61 -22.37 -3.40
C SER A 184 2.33 -22.20 -1.89
N ASP A 185 3.04 -22.93 -1.07
CA ASP A 185 2.83 -22.76 0.36
C ASP A 185 3.46 -21.49 0.90
N HIS A 186 4.32 -20.82 0.14
CA HIS A 186 5.00 -19.63 0.60
C HIS A 186 5.21 -18.50 -0.42
N GLU A 187 4.65 -18.65 -1.59
CA GLU A 187 4.80 -17.71 -2.67
C GLU A 187 3.48 -17.60 -3.46
N ALA A 188 3.26 -16.42 -3.99
CA ALA A 188 2.08 -16.17 -4.79
C ALA A 188 2.35 -15.24 -5.99
N LEU A 189 1.64 -15.51 -7.05
CA LEU A 189 1.68 -14.72 -8.25
C LEU A 189 0.27 -14.40 -8.77
N ALA A 190 0.03 -13.11 -8.86
CA ALA A 190 -1.25 -12.61 -9.37
C ALA A 190 -1.03 -11.89 -10.69
N SER A 191 -1.87 -12.19 -11.66
CA SER A 191 -1.82 -11.43 -12.89
C SER A 191 -2.83 -10.28 -12.77
N LEU A 192 -2.51 -9.17 -13.43
CA LEU A 192 -3.32 -7.97 -13.35
C LEU A 192 -3.84 -7.50 -14.68
N GLN A 193 -5.03 -6.94 -14.63
CA GLN A 193 -5.64 -6.30 -15.80
C GLN A 193 -6.19 -4.95 -15.32
N ALA A 194 -5.84 -3.91 -16.03
CA ALA A 194 -6.33 -2.62 -15.64
C ALA A 194 -7.80 -2.48 -15.88
N PRO A 195 -8.42 -1.69 -15.04
CA PRO A 195 -9.82 -1.33 -15.27
C PRO A 195 -9.91 -0.51 -16.55
N SER A 196 -11.02 -0.57 -17.26
CA SER A 196 -11.15 0.15 -18.53
C SER A 196 -11.05 1.64 -18.36
N ALA A 197 -11.64 2.12 -17.30
CA ALA A 197 -11.63 3.54 -16.97
C ALA A 197 -10.42 3.85 -16.14
N PRO A 198 -9.60 4.76 -16.63
CA PRO A 198 -8.38 5.07 -15.90
C PRO A 198 -8.72 5.68 -14.59
N GLY A 199 -7.72 5.71 -13.73
CA GLY A 199 -7.98 6.28 -12.43
C GLY A 199 -7.93 7.76 -12.46
N ASP A 200 -7.97 8.36 -11.29
CA ASP A 200 -7.71 9.74 -11.28
C ASP A 200 -6.21 9.67 -11.51
N GLU A 201 -5.74 10.35 -12.55
CA GLU A 201 -4.31 10.35 -12.88
C GLU A 201 -3.45 11.18 -11.96
N ALA A 202 -4.10 11.86 -11.02
CA ALA A 202 -3.37 12.59 -10.00
C ALA A 202 -2.66 11.65 -9.01
N PHE A 203 -3.22 10.48 -8.86
CA PHE A 203 -2.61 9.49 -7.99
C PHE A 203 -1.33 8.90 -8.59
N LEU A 204 -0.26 8.76 -7.83
CA LEU A 204 0.88 8.02 -8.31
C LEU A 204 0.49 6.56 -8.10
N LEU A 205 0.15 6.22 -6.87
CA LEU A 205 -0.42 4.91 -6.57
C LEU A 205 -1.91 5.05 -6.18
N ASP A 206 -2.80 4.74 -7.09
CA ASP A 206 -4.22 4.72 -6.86
C ASP A 206 -4.44 3.62 -5.82
N PRO A 207 -5.37 3.85 -4.92
CA PRO A 207 -5.64 2.88 -3.88
C PRO A 207 -6.10 1.55 -4.44
N ASN A 208 -6.84 1.55 -5.50
CA ASN A 208 -7.28 0.28 -6.05
C ASN A 208 -6.10 -0.59 -6.53
N LEU A 209 -5.15 0.05 -7.19
CA LEU A 209 -3.96 -0.61 -7.62
C LEU A 209 -3.09 -1.01 -6.39
N GLY A 210 -2.96 -0.12 -5.42
CA GLY A 210 -2.20 -0.47 -4.26
C GLY A 210 -2.75 -1.66 -3.49
N ASN A 211 -4.05 -1.69 -3.36
CA ASN A 211 -4.70 -2.84 -2.73
C ASN A 211 -4.52 -4.12 -3.55
N SER A 212 -4.47 -3.97 -4.86
CA SER A 212 -4.21 -5.12 -5.71
C SER A 212 -2.84 -5.72 -5.43
N VAL A 213 -1.88 -4.89 -5.14
CA VAL A 213 -0.57 -5.39 -4.78
C VAL A 213 -0.53 -6.10 -3.41
N LEU A 214 -1.21 -5.50 -2.46
CA LEU A 214 -1.26 -6.05 -1.12
C LEU A 214 -2.08 -7.32 -0.92
N VAL A 215 -3.14 -7.46 -1.69
CA VAL A 215 -4.05 -8.59 -1.49
C VAL A 215 -3.37 -9.94 -1.61
N PRO A 216 -2.50 -10.13 -2.58
CA PRO A 216 -1.84 -11.42 -2.68
C PRO A 216 -0.98 -11.77 -1.47
N ALA A 217 -0.29 -10.75 -0.91
CA ALA A 217 0.51 -10.94 0.30
C ALA A 217 -0.35 -11.27 1.52
N ILE A 218 -1.46 -10.58 1.65
CA ILE A 218 -2.35 -10.85 2.74
C ILE A 218 -2.98 -12.25 2.60
N PHE A 219 -3.32 -12.61 1.38
CA PHE A 219 -3.84 -13.93 1.13
C PHE A 219 -2.81 -14.98 1.55
N LEU A 220 -1.55 -14.77 1.23
CA LEU A 220 -0.51 -15.68 1.62
C LEU A 220 -0.38 -15.78 3.15
N SER A 221 -0.51 -14.65 3.82
CA SER A 221 -0.42 -14.60 5.27
C SER A 221 -1.48 -15.48 5.87
N LEU A 222 -2.69 -15.38 5.34
CA LEU A 222 -3.79 -16.20 5.80
C LEU A 222 -3.61 -17.70 5.54
N ILE A 223 -3.12 -17.95 4.24
CA ILE A 223 -3.13 -19.40 4.09
C ILE A 223 -1.92 -20.05 4.77
N GLN A 224 -0.86 -19.34 5.06
CA GLN A 224 0.19 -19.88 5.85
C GLN A 224 -0.20 -20.16 7.29
N ASP A 225 -1.06 -19.35 7.83
CA ASP A 225 -1.48 -19.50 9.20
C ASP A 225 -2.79 -20.26 9.35
N GLY A 226 -3.32 -20.71 8.25
CA GLY A 226 -4.56 -21.42 8.28
C GLY A 226 -5.74 -20.62 8.77
N GLU A 227 -5.74 -19.34 8.47
CA GLU A 227 -6.77 -18.45 8.93
C GLU A 227 -7.61 -17.89 7.81
N ARG A 228 -8.79 -17.50 8.19
CA ARG A 228 -9.80 -16.98 7.33
C ARG A 228 -10.30 -15.56 7.64
N GLU A 229 -9.75 -14.89 8.61
CA GLU A 229 -10.17 -13.55 8.95
C GLU A 229 -9.19 -12.58 8.25
N TRP A 230 -9.72 -11.53 7.63
CA TRP A 230 -8.86 -10.57 6.90
C TRP A 230 -7.85 -9.91 7.78
N ARG A 231 -6.69 -9.64 7.19
CA ARG A 231 -5.65 -8.98 7.88
C ARG A 231 -5.35 -7.65 7.20
N PHE A 232 -5.01 -6.67 8.02
CA PHE A 232 -4.70 -5.32 7.59
C PHE A 232 -3.25 -4.96 7.83
N PRO A 233 -2.71 -4.11 6.98
CA PRO A 233 -1.33 -3.74 7.16
C PRO A 233 -1.08 -3.11 8.57
N TYR A 234 -0.06 -3.57 9.25
CA TYR A 234 0.34 -3.07 10.56
C TYR A 234 1.71 -2.36 10.47
N THR A 235 2.69 -3.06 9.95
CA THR A 235 4.00 -2.48 9.77
C THR A 235 4.58 -2.82 8.40
N LEU A 236 5.38 -1.91 7.85
CA LEU A 236 6.05 -2.11 6.58
C LEU A 236 7.46 -1.59 6.65
N GLU A 237 8.42 -2.42 6.38
CA GLU A 237 9.78 -1.96 6.46
C GLU A 237 10.14 -0.91 5.42
N ALA A 238 9.71 -1.16 4.21
CA ALA A 238 9.91 -0.20 3.14
C ALA A 238 8.99 -0.36 1.93
N LEU A 239 8.82 0.76 1.25
CA LEU A 239 8.20 0.84 -0.04
C LEU A 239 9.12 1.65 -0.94
N TRP A 240 9.58 1.06 -2.03
CA TRP A 240 10.44 1.74 -2.98
C TRP A 240 9.71 1.89 -4.30
N ILE A 241 9.66 3.09 -4.86
CA ILE A 241 8.96 3.39 -6.06
C ILE A 241 9.95 3.58 -7.20
N TYR A 242 9.96 2.71 -8.19
CA TYR A 242 10.92 2.82 -9.28
C TYR A 242 10.41 3.45 -10.57
N SER A 243 9.18 3.15 -10.89
CA SER A 243 8.54 3.69 -12.07
C SER A 243 7.01 3.63 -11.99
N ASP A 244 6.30 4.14 -12.98
CA ASP A 244 4.86 4.20 -12.88
C ASP A 244 4.23 2.84 -12.70
N PRO A 245 3.47 2.69 -11.63
CA PRO A 245 2.82 1.43 -11.29
C PRO A 245 1.67 1.02 -12.20
N ARG A 246 1.24 1.96 -13.00
CA ARG A 246 0.16 1.72 -13.94
C ARG A 246 0.55 0.78 -15.05
N ARG A 247 1.83 0.52 -15.19
CA ARG A 247 2.26 -0.48 -16.13
C ARG A 247 2.25 -1.90 -15.53
N GLY A 248 1.64 -2.00 -14.39
CA GLY A 248 1.62 -3.28 -13.74
C GLY A 248 0.94 -4.44 -14.45
N ALA A 249 1.62 -5.58 -14.38
CA ALA A 249 1.10 -6.78 -14.97
C ALA A 249 1.06 -7.98 -14.02
N TYR A 250 1.95 -8.02 -13.03
CA TYR A 250 1.96 -9.11 -12.08
C TYR A 250 2.32 -8.63 -10.69
N VAL A 251 1.85 -9.34 -9.68
CA VAL A 251 2.18 -9.09 -8.29
C VAL A 251 2.79 -10.42 -7.78
N HIS A 252 3.98 -10.31 -7.20
CA HIS A 252 4.76 -11.41 -6.69
C HIS A 252 5.02 -11.21 -5.21
N ALA A 253 4.38 -12.06 -4.43
CA ALA A 253 4.46 -12.05 -2.98
C ALA A 253 5.06 -13.34 -2.43
N ARG A 254 5.53 -13.31 -1.13
CA ARG A 254 6.53 -14.27 -0.71
C ARG A 254 7.00 -13.92 0.70
N ARG A 255 6.88 -15.02 1.48
CA ARG A 255 7.26 -14.89 2.85
C ARG A 255 8.67 -14.29 2.85
N ALA A 256 8.91 -13.34 3.75
CA ALA A 256 10.19 -12.72 3.88
C ALA A 256 11.19 -13.66 4.52
N ALA A 257 12.45 -13.27 4.42
CA ALA A 257 13.52 -14.04 5.04
C ALA A 257 13.36 -14.14 6.53
N GLU A 258 12.99 -13.07 7.18
CA GLU A 258 12.73 -13.10 8.60
C GLU A 258 11.42 -12.35 8.87
N ASP A 259 10.76 -12.68 9.95
CA ASP A 259 9.60 -11.96 10.39
C ASP A 259 10.04 -10.80 11.28
N GLY A 260 9.05 -10.06 11.76
CA GLY A 260 9.27 -8.95 12.67
C GLY A 260 9.82 -9.50 14.00
N GLN A 261 10.28 -8.62 14.85
CA GLN A 261 10.97 -9.06 16.06
C GLN A 261 10.39 -10.05 17.04
N ALA A 262 9.40 -9.61 17.78
CA ALA A 262 8.70 -10.45 18.73
C ALA A 262 7.42 -10.72 17.97
N ALA A 263 7.43 -11.38 16.82
CA ALA A 263 6.16 -11.44 16.08
C ALA A 263 5.31 -12.69 15.88
N ARG A 264 4.07 -12.57 16.24
CA ARG A 264 3.09 -13.57 16.04
C ARG A 264 2.62 -13.78 14.57
N PHE A 265 2.66 -12.70 13.83
CA PHE A 265 2.17 -12.64 12.46
C PHE A 265 3.33 -12.53 11.48
N GLY A 266 3.17 -13.18 10.35
CA GLY A 266 4.27 -13.23 9.40
C GLY A 266 4.55 -11.97 8.63
N ARG A 267 5.73 -11.94 8.09
CA ARG A 267 6.23 -10.85 7.30
C ARG A 267 6.49 -11.28 5.87
N TYR A 268 6.05 -10.42 4.95
CA TYR A 268 6.06 -10.68 3.54
C TYR A 268 6.71 -9.57 2.70
N ASP A 269 7.28 -10.01 1.60
CA ASP A 269 7.81 -9.13 0.57
C ASP A 269 6.86 -9.23 -0.66
N VAL A 270 6.52 -8.12 -1.28
CA VAL A 270 5.67 -8.18 -2.44
C VAL A 270 6.08 -7.13 -3.48
N ASP A 271 6.22 -7.53 -4.72
CA ASP A 271 6.59 -6.62 -5.76
C ASP A 271 5.52 -6.53 -6.84
N LEU A 272 5.43 -5.33 -7.39
CA LEU A 272 4.61 -5.04 -8.52
C LEU A 272 5.57 -4.92 -9.71
N VAL A 273 5.34 -5.75 -10.71
CA VAL A 273 6.17 -5.77 -11.89
C VAL A 273 5.37 -5.59 -13.18
N ASP A 274 6.05 -5.11 -14.19
CA ASP A 274 5.43 -4.98 -15.49
C ASP A 274 5.48 -6.31 -16.24
N ALA A 275 5.05 -6.30 -17.47
CA ALA A 275 4.98 -7.54 -18.25
C ALA A 275 6.31 -8.13 -18.61
N SER A 276 7.35 -7.31 -18.49
CA SER A 276 8.72 -7.76 -18.70
C SER A 276 9.46 -8.14 -17.42
N GLY A 277 8.72 -8.11 -16.34
CA GLY A 277 9.29 -8.43 -15.05
C GLY A 277 10.03 -7.31 -14.32
N ASN A 278 9.98 -6.13 -14.92
CA ASN A 278 10.66 -5.01 -14.29
C ASN A 278 9.93 -4.55 -13.03
N CYS A 279 10.68 -4.25 -11.98
CA CYS A 279 10.09 -3.81 -10.73
C CYS A 279 9.63 -2.36 -10.75
N LEU A 280 8.32 -2.17 -10.54
CA LEU A 280 7.70 -0.85 -10.51
C LEU A 280 7.65 -0.37 -9.08
N MET A 281 7.24 -1.25 -8.20
CA MET A 281 7.25 -0.96 -6.79
C MET A 281 7.60 -2.19 -5.99
N ALA A 282 8.39 -1.96 -4.96
CA ALA A 282 8.82 -3.01 -4.07
C ALA A 282 8.39 -2.72 -2.63
N PHE A 283 7.60 -3.65 -2.09
CA PHE A 283 7.16 -3.60 -0.69
C PHE A 283 8.01 -4.63 0.06
N ARG A 284 8.79 -4.14 1.02
CA ARG A 284 9.62 -4.99 1.78
C ARG A 284 9.16 -5.09 3.21
N GLY A 285 9.06 -6.30 3.69
CA GLY A 285 8.73 -6.48 5.08
C GLY A 285 7.41 -6.01 5.60
N LEU A 286 6.36 -6.49 4.96
CA LEU A 286 4.99 -6.19 5.34
C LEU A 286 4.42 -7.23 6.28
N THR A 287 3.90 -6.75 7.41
CA THR A 287 3.20 -7.55 8.38
C THR A 287 1.73 -7.09 8.45
N ALA A 288 0.80 -7.99 8.21
CA ALA A 288 -0.60 -7.68 8.29
C ALA A 288 -1.18 -8.49 9.44
N VAL A 289 -2.12 -7.89 10.15
CA VAL A 289 -2.68 -8.50 11.34
C VAL A 289 -4.19 -8.38 11.37
N PRO A 290 -4.86 -9.24 12.09
CA PRO A 290 -6.30 -9.15 12.17
C PRO A 290 -6.81 -7.96 12.94
N ALA A 291 -8.10 -7.71 12.84
CA ALA A 291 -8.72 -6.63 13.56
C ALA A 291 -10.04 -7.06 14.20
N ALA A 292 -10.50 -6.29 15.18
CA ALA A 292 -11.75 -6.59 15.86
C ALA A 292 -12.95 -6.27 14.98
#